data_7UAQ
#
_entry.id   7UAQ
#
_cell.length_a   1.00
_cell.length_b   1.00
_cell.length_c   1.00
_cell.angle_alpha   90.00
_cell.angle_beta   90.00
_cell.angle_gamma   90.00
#
_symmetry.space_group_name_H-M   'P 1'
#
loop_
_entity.id
_entity.type
_entity.pdbx_description
1 polymer 'Spike glycoprotein'
2 polymer 'C1520 Fab Heavy Chain'
3 polymer 'C1520 Fab Light Chain'
4 branched 2-acetamido-2-deoxy-beta-D-glucopyranose-(1-4)-2-acetamido-2-deoxy-beta-D-glucopyranose
5 non-polymer 2-acetamido-2-deoxy-beta-D-glucopyranose
#
loop_
_entity_poly.entity_id
_entity_poly.type
_entity_poly.pdbx_seq_one_letter_code
_entity_poly.pdbx_strand_id
1 'polypeptide(L)'
;MFVFLVLLPLVSSQCVNLTTRTQLPPAYTNSFTRGVYYPDKVFRSSVLHSTQDLFLPFFSNVTWFHAIHVSGTNGTKRFD
NPVLPFNDGVYFASTEKSNIIRGWIFGTTLDSKTQSLLIVNNATNVVIKVCEFQFCNDPFLGVYYHKNNKSWMESEFRVY
SSANNCTFEYVSQPFLMDLEGKQGNFKNLREFVFKNIDGYFKIYSKHTPINLVRDLPQGFSALEPLVDLPIGINITRFQT
LLALHRSYLTPGDSSSGWTAGAAAYYVGYLQPRTFLLKYNENGTITDAVDCALDPLSETKCTLKSFTVEKGIYQTSNFRV
QPTESIVRFPNITNLCPFGEVFNATRFASVYAWNRKRISNCVADYSVLYNSASFSTFKCYGVSPTKLNDLCFTNVYADSF
VIRGDEVRQIAPGQTGKIADYNYKLPDDFTGCVIAWNSNNLDSKVGGNYNYLYRLFRKSNLKPFERDISTEIYQAGSTPC
NGVEGFNCYFPLQSYGFQPTNGVGYQPYRVVVLSFELLHAPATVCGPKKSTNLVKNKCVNFNFNGLTGTGVLTESNKKFL
PFQQFGRDIADTTDAVRDPQTLEILDITPCSFGGVSVITPGTNTSNQVAVLYQDVNCTEVPVAIHADQLTPTWRVYSTGS
NVFQTRAGCLIGAEHVNNSYECDIPIGAGICASYQTQTNSPASVASQSIIAYTMSLGAENSVAYSNNSIAIPTNFTISVT
TEILPVSMTKTSVDCTMYICGDSTECSNLLLQYGSFCTQLNRALTGIAVEQDKNTQEVFAQVKQIYKTPPIKDFGGFNFS
QILPDPSKPSKRSPIEDLLFNKVTLADAGFIKQYGDCLGDIAARDLICAQKFNGLTVLPPLLTDEMIAQYTSALLAGTIT
SGWTFGAGPALQIPFPMQMAYRFNGIGVTQNVLYENQKLIANQFNSAIGKIQDSLSSTPSALGKLQDVVNQNAQALNTLV
KQLSSNFGAISSVLNDILSRLDPPEAEVQIDRLITGRLQSLQTYVTQQLIRAAEIRASANLAATKMSECVLGQSKRVDFC
GKGYHLMSFPQSAPHGVVFLHVTYVPAQEKNFTTAPAICHDGKAHFPREGVFVSNGTHWFVTQRNFYEPQIITTDNTFVS
GNCDVVIGIVNNTVYDPLQPELDSFKEELDKYFKNHTSPDVDLGDISGINASVVNIQKEIDRLNEVAKNLNESLIDLQEL
GKYEQYIKWPSGRLVPRGSPGSGYIPEAPRDGQAYVRKDGEWVLLSTFLGHHHHHH
;
A
2 'polypeptide(L)'
;EVQLVESGGGLVQPGGSLRLACVASGFTFSIYEMNWVRQAPGKGLEWVSYITTSGHARYNADSVKGRFTISRDNSKNSFY
LQMNSLRAEDTAIYYCARPQYHYYDTSTYHSYGFDIWGQGTMVTVSSASTKGPSVFPLAPSSKSTSGGTAALGCLVKDYF
PEPVTVSWNSGALTSGVHTFPAVLQSSGLYSLSSVVTVPSSSLGTQTYICNVNHKPSNTKVDKRVEPKSCDKT
;
H
3 'polypeptide(L)'
;QLVLTQSPSASASLGASVNLTCTLSSGHNSYAIAWHQQQPEKGPRYLMSLNSDGSHTKGDGIPDRFSGSSSGAERFLTIS
SLQSEDEADYYCQTWDTGIRVFGGGTRLTVLGQPKAAPSVTLFPPSSEELQANKATLVCLISDFYPGAVTVAWKADSSPV
KAGVETTTPSKQSNNKYAASSYLSLTP(UNK)QWKSHRSYSCQVTHEGSTVEKTVAPTECS
;
L
#
loop_
_chem_comp.id
_chem_comp.type
_chem_comp.name
_chem_comp.formula
NAG D-saccharide, beta linking 2-acetamido-2-deoxy-beta-D-glucopyranose 'C8 H15 N O6'
#
# COMPACT_ATOMS: atom_id res chain seq x y z
N GLN A 14 -10.70 27.38 -7.58
CA GLN A 14 -11.63 27.79 -6.53
C GLN A 14 -11.28 27.10 -5.22
N CYS A 15 -11.31 27.87 -4.13
CA CYS A 15 -11.03 27.37 -2.80
C CYS A 15 -12.08 27.93 -1.85
N VAL A 16 -12.22 27.29 -0.69
CA VAL A 16 -13.22 27.70 0.29
C VAL A 16 -12.65 27.57 1.70
N ASN A 17 -13.13 28.44 2.57
CA ASN A 17 -12.79 28.50 4.00
C ASN A 17 -13.32 27.36 4.85
N LEU A 18 -12.83 26.13 4.64
CA LEU A 18 -13.24 25.00 5.47
C LEU A 18 -12.17 24.76 6.55
N THR A 19 -12.22 25.59 7.59
CA THR A 19 -11.23 25.51 8.65
C THR A 19 -11.60 24.50 9.72
N THR A 20 -12.73 24.72 10.41
CA THR A 20 -13.23 23.91 11.52
C THR A 20 -12.07 23.47 12.42
N ARG A 21 -11.11 24.38 12.64
CA ARG A 21 -9.91 24.05 13.39
C ARG A 21 -10.19 24.03 14.88
N THR A 22 -9.77 22.95 15.53
CA THR A 22 -9.90 22.75 16.96
C THR A 22 -8.51 22.91 17.56
N GLN A 23 -8.40 23.71 18.62
CA GLN A 23 -7.11 23.96 19.23
C GLN A 23 -6.94 23.03 20.42
N LEU A 24 -5.87 22.24 20.39
CA LEU A 24 -5.44 21.31 21.41
C LEU A 24 -3.92 21.32 21.44
N PRO A 25 -3.31 21.14 22.61
CA PRO A 25 -1.86 21.12 22.68
C PRO A 25 -1.33 19.88 22.00
N PRO A 26 -0.20 19.97 21.30
CA PRO A 26 0.32 18.79 20.60
C PRO A 26 0.96 17.83 21.58
N ALA A 27 0.42 16.61 21.64
CA ALA A 27 0.90 15.59 22.56
C ALA A 27 2.30 15.17 22.13
N TYR A 28 3.31 15.69 22.80
CA TYR A 28 4.69 15.30 22.52
C TYR A 28 4.89 13.84 22.91
N THR A 29 5.45 13.06 21.99
CA THR A 29 5.69 11.66 22.23
C THR A 29 7.11 11.31 21.78
N ASN A 30 7.58 10.15 22.22
CA ASN A 30 8.92 9.69 21.93
C ASN A 30 8.93 8.74 20.74
N SER A 31 9.96 8.87 19.92
CA SER A 31 10.08 8.03 18.73
C SER A 31 10.86 6.74 18.99
N PHE A 32 11.80 6.76 19.93
CA PHE A 32 12.61 5.58 20.25
C PHE A 32 13.41 5.09 19.05
N THR A 33 14.55 5.75 18.81
CA THR A 33 15.57 5.39 17.82
C THR A 33 15.00 5.24 16.40
N ARG A 34 14.45 6.35 15.91
CA ARG A 34 13.88 6.46 14.58
C ARG A 34 14.47 7.68 13.88
N GLY A 35 14.52 7.61 12.56
CA GLY A 35 14.95 8.74 11.76
C GLY A 35 16.34 8.64 11.19
N VAL A 36 16.97 7.47 11.26
CA VAL A 36 18.31 7.31 10.73
C VAL A 36 18.21 6.72 9.33
N TYR A 37 19.14 7.13 8.47
CA TYR A 37 19.16 6.74 7.06
C TYR A 37 20.58 6.36 6.68
N TYR A 38 20.77 6.05 5.41
CA TYR A 38 22.10 5.77 4.91
C TYR A 38 22.78 7.08 4.56
N PRO A 39 23.94 7.40 5.16
CA PRO A 39 24.58 8.69 4.88
C PRO A 39 25.31 8.74 3.54
N ASP A 40 25.68 7.61 2.95
CA ASP A 40 26.46 7.61 1.73
C ASP A 40 26.04 6.45 0.83
N LYS A 41 26.39 6.59 -0.45
CA LYS A 41 25.97 5.65 -1.48
C LYS A 41 27.07 4.65 -1.82
N VAL A 42 27.56 3.94 -0.81
CA VAL A 42 28.57 2.90 -1.01
C VAL A 42 28.26 1.73 -0.07
N PHE A 43 28.46 0.52 -0.58
CA PHE A 43 28.08 -0.70 0.11
C PHE A 43 29.18 -1.13 1.07
N ARG A 44 29.02 -0.81 2.35
CA ARG A 44 29.94 -1.31 3.36
C ARG A 44 29.33 -2.55 4.03
N SER A 45 30.08 -3.14 4.95
CA SER A 45 29.61 -4.32 5.67
C SER A 45 30.54 -4.60 6.84
N SER A 46 29.97 -4.98 7.98
CA SER A 46 30.76 -5.40 9.14
C SER A 46 31.75 -4.32 9.58
N VAL A 47 31.32 -3.06 9.49
CA VAL A 47 32.16 -1.93 9.85
C VAL A 47 31.34 -1.02 10.76
N LEU A 48 32.03 -0.13 11.47
CA LEU A 48 31.40 0.83 12.36
C LEU A 48 31.55 2.27 11.90
N HIS A 49 31.25 2.54 10.63
CA HIS A 49 31.46 3.88 10.08
C HIS A 49 30.76 4.95 10.92
N SER A 50 31.52 5.97 11.30
CA SER A 50 31.01 7.12 12.04
C SER A 50 30.73 8.28 11.10
N THR A 51 29.61 8.96 11.31
CA THR A 51 29.21 10.06 10.44
C THR A 51 28.62 11.19 11.26
N GLN A 52 28.71 12.40 10.72
CA GLN A 52 28.16 13.61 11.31
C GLN A 52 27.24 14.21 10.27
N ASP A 53 25.93 14.13 10.52
CA ASP A 53 24.96 14.64 9.57
C ASP A 53 23.66 14.96 10.31
N LEU A 54 22.71 15.53 9.56
CA LEU A 54 21.42 15.89 10.13
C LEU A 54 20.62 14.62 10.40
N PHE A 55 20.39 14.34 11.69
CA PHE A 55 19.73 13.12 12.13
C PHE A 55 18.70 13.47 13.19
N LEU A 56 17.65 12.67 13.27
CA LEU A 56 16.71 12.83 14.36
C LEU A 56 17.30 12.20 15.61
N PRO A 57 17.47 12.93 16.70
CA PRO A 57 18.07 12.35 17.90
C PRO A 57 17.18 11.32 18.55
N PHE A 58 17.82 10.34 19.18
CA PHE A 58 17.09 9.25 19.82
C PHE A 58 16.37 9.79 21.04
N PHE A 59 15.19 9.26 21.32
CA PHE A 59 14.42 9.66 22.49
C PHE A 59 14.17 11.18 22.46
N SER A 60 13.75 11.66 21.30
CA SER A 60 13.47 13.06 21.05
C SER A 60 11.97 13.31 20.97
N ASN A 61 11.60 14.56 21.21
CA ASN A 61 10.20 14.97 21.21
C ASN A 61 9.70 15.03 19.77
N VAL A 62 8.71 14.22 19.41
CA VAL A 62 8.07 14.39 18.11
C VAL A 62 6.63 14.81 18.32
N THR A 63 6.09 15.52 17.32
CA THR A 63 4.77 16.13 17.43
C THR A 63 3.69 15.19 16.89
N TRP A 64 2.86 14.65 17.76
CA TRP A 64 1.71 13.83 17.35
C TRP A 64 0.59 14.71 16.81
N PHE A 65 0.49 14.84 15.49
CA PHE A 65 -0.63 15.53 14.85
C PHE A 65 -1.63 14.57 14.25
N HIS A 66 -2.91 14.79 14.56
CA HIS A 66 -3.99 13.92 14.12
C HIS A 66 -5.23 14.79 14.07
N ALA A 67 -5.72 15.07 12.87
CA ALA A 67 -6.94 15.87 12.69
C ALA A 67 -8.10 15.02 12.19
N ILE A 68 -8.67 14.22 13.09
CA ILE A 68 -9.86 13.42 12.70
C ILE A 68 -10.52 12.83 13.94
N HIS A 69 -11.67 12.15 13.77
CA HIS A 69 -12.40 11.53 14.91
C HIS A 69 -13.16 12.62 15.68
N VAL A 70 -13.80 12.24 16.79
CA VAL A 70 -14.57 13.23 17.61
C VAL A 70 -15.74 13.76 16.78
N LYS A 77 -15.81 16.56 13.58
CA LYS A 77 -15.29 17.30 12.43
C LYS A 77 -14.06 18.11 12.79
N ARG A 78 -13.15 17.48 13.54
CA ARG A 78 -11.91 18.10 13.96
C ARG A 78 -10.91 18.03 12.81
N PHE A 79 -10.58 19.19 12.25
CA PHE A 79 -9.62 19.31 11.17
C PHE A 79 -8.60 20.39 11.50
N ASP A 80 -7.32 20.04 11.38
CA ASP A 80 -6.23 20.95 11.65
C ASP A 80 -5.07 20.55 10.76
N ASN A 81 -4.36 21.55 10.23
CA ASN A 81 -3.22 21.32 9.36
C ASN A 81 -2.33 22.54 9.36
N PRO A 82 -1.66 22.85 10.46
CA PRO A 82 -0.93 24.13 10.55
C PRO A 82 0.37 24.10 9.77
N VAL A 83 0.91 25.29 9.59
CA VAL A 83 2.18 25.50 8.90
C VAL A 83 3.32 25.50 9.92
N LEU A 84 4.21 24.51 9.78
CA LEU A 84 5.32 24.32 10.74
C LEU A 84 6.64 24.66 10.07
N PRO A 85 7.72 24.96 10.82
CA PRO A 85 8.99 25.37 10.22
C PRO A 85 9.87 24.19 9.78
N PHE A 86 10.31 24.19 8.52
CA PHE A 86 11.18 23.11 8.01
C PHE A 86 12.47 23.07 8.83
N ASN A 87 12.83 24.20 9.43
CA ASN A 87 14.11 24.26 10.19
C ASN A 87 15.22 23.73 9.29
N ASP A 88 15.94 22.70 9.76
CA ASP A 88 17.04 22.11 8.95
C ASP A 88 16.51 20.90 8.19
N GLY A 89 15.63 20.12 8.82
CA GLY A 89 15.06 18.93 8.16
C GLY A 89 13.76 18.54 8.85
N VAL A 90 12.98 17.65 8.23
CA VAL A 90 11.65 17.31 8.81
C VAL A 90 11.45 15.80 8.76
N TYR A 91 11.62 15.12 9.89
CA TYR A 91 11.33 13.70 9.92
C TYR A 91 9.82 13.53 9.89
N PHE A 92 9.34 12.67 9.00
CA PHE A 92 7.90 12.49 8.80
C PHE A 92 7.52 11.03 9.00
N ALA A 93 6.35 10.82 9.58
CA ALA A 93 5.76 9.50 9.73
C ALA A 93 4.29 9.62 9.38
N SER A 94 3.72 8.55 8.87
CA SER A 94 2.33 8.57 8.43
C SER A 94 1.63 7.23 8.63
N THR A 95 1.53 6.77 9.89
CA THR A 95 0.69 5.61 10.17
C THR A 95 -0.62 5.75 9.40
N GLU A 96 -0.85 4.84 8.47
CA GLU A 96 -1.88 4.98 7.46
C GLU A 96 -2.97 3.92 7.57
N LYS A 97 -4.21 4.36 7.40
CA LYS A 97 -5.36 3.46 7.34
C LYS A 97 -6.10 3.53 6.01
N SER A 98 -6.42 4.74 5.52
CA SER A 98 -7.26 4.84 4.33
C SER A 98 -6.73 5.91 3.37
N ASN A 99 -5.40 6.03 3.27
CA ASN A 99 -4.73 6.84 2.24
C ASN A 99 -5.17 8.31 2.28
N ILE A 100 -4.90 8.96 3.41
CA ILE A 100 -5.26 10.36 3.57
C ILE A 100 -4.10 11.29 3.22
N ILE A 101 -2.90 11.01 3.73
CA ILE A 101 -1.75 11.85 3.45
C ILE A 101 -1.30 11.60 2.02
N ARG A 102 -1.37 12.65 1.19
CA ARG A 102 -1.07 12.55 -0.23
C ARG A 102 0.16 13.33 -0.68
N GLY A 103 0.66 14.27 0.12
CA GLY A 103 1.80 15.04 -0.31
C GLY A 103 2.03 16.24 0.60
N TRP A 104 2.91 17.13 0.13
CA TRP A 104 3.31 18.31 0.89
C TRP A 104 3.38 19.51 -0.04
N ILE A 105 3.42 20.70 0.56
CA ILE A 105 3.61 21.95 -0.16
C ILE A 105 4.75 22.81 0.35
N PHE A 106 5.92 22.22 0.57
CA PHE A 106 7.09 22.94 1.08
C PHE A 106 7.26 24.31 0.44
N GLY A 107 7.83 25.26 1.17
CA GLY A 107 8.05 26.57 0.61
C GLY A 107 8.62 27.52 1.63
N THR A 108 8.45 28.81 1.36
CA THR A 108 8.90 29.88 2.25
C THR A 108 7.75 30.71 2.77
N THR A 109 6.89 31.23 1.89
CA THR A 109 5.75 32.02 2.28
C THR A 109 4.43 31.34 1.97
N LEU A 110 4.44 30.39 1.04
CA LEU A 110 3.27 29.61 0.67
C LEU A 110 2.14 30.49 0.16
N ASP A 111 2.52 31.58 -0.51
CA ASP A 111 1.60 32.58 -1.06
C ASP A 111 2.44 33.71 -1.64
N SER A 112 1.78 34.74 -2.13
CA SER A 112 2.45 35.90 -2.72
C SER A 112 3.29 35.54 -3.95
N LYS A 113 4.28 36.39 -4.24
CA LYS A 113 5.25 36.23 -5.33
C LYS A 113 6.50 35.44 -4.97
N THR A 114 6.45 34.36 -4.19
CA THR A 114 7.69 33.63 -3.91
C THR A 114 7.63 32.22 -4.50
N GLN A 115 8.76 31.54 -4.43
CA GLN A 115 8.88 30.19 -4.98
C GLN A 115 8.27 29.14 -4.07
N SER A 116 7.55 28.20 -4.67
CA SER A 116 6.85 27.16 -3.93
C SER A 116 7.19 25.79 -4.48
N LEU A 117 7.12 24.79 -3.61
CA LEU A 117 7.35 23.39 -3.96
C LEU A 117 6.07 22.64 -3.62
N LEU A 118 5.65 21.73 -4.49
CA LEU A 118 4.37 21.03 -4.32
C LEU A 118 4.57 19.52 -4.52
N ILE A 119 5.44 18.95 -3.69
CA ILE A 119 5.65 17.49 -3.63
C ILE A 119 4.29 16.81 -3.51
N VAL A 120 3.98 15.92 -4.46
CA VAL A 120 2.68 15.25 -4.45
C VAL A 120 2.90 13.79 -4.83
N ASN A 121 2.03 12.93 -4.30
CA ASN A 121 2.01 11.48 -4.55
C ASN A 121 0.66 11.12 -5.14
N ASN A 122 0.64 10.96 -6.46
CA ASN A 122 -0.56 10.66 -7.22
C ASN A 122 -0.90 9.16 -7.22
N ALA A 123 -1.91 8.78 -8.01
CA ALA A 123 -2.44 7.43 -7.88
C ALA A 123 -1.48 6.37 -8.40
N THR A 124 -0.57 6.76 -9.31
CA THR A 124 0.41 5.88 -9.92
C THR A 124 1.79 6.47 -10.04
N ASN A 125 1.97 7.78 -9.85
CA ASN A 125 3.27 8.40 -10.05
C ASN A 125 3.47 9.48 -8.99
N VAL A 126 4.64 10.12 -9.05
CA VAL A 126 4.98 11.25 -8.20
C VAL A 126 5.28 12.46 -9.07
N VAL A 127 4.61 13.57 -8.80
CA VAL A 127 4.74 14.77 -9.60
C VAL A 127 5.42 15.77 -8.69
N ILE A 128 6.54 16.33 -9.15
CA ILE A 128 7.28 17.32 -8.38
C ILE A 128 7.36 18.61 -9.17
N LYS A 129 6.77 19.68 -8.63
CA LYS A 129 6.75 20.96 -9.34
C LYS A 129 7.31 22.01 -8.40
N VAL A 130 8.36 22.70 -8.83
CA VAL A 130 8.86 23.88 -8.15
C VAL A 130 8.48 25.08 -8.98
N CYS A 131 7.53 25.88 -8.50
CA CYS A 131 6.92 26.95 -9.26
C CYS A 131 6.37 27.98 -8.30
N GLU A 132 5.86 29.08 -8.86
CA GLU A 132 5.29 30.17 -8.08
C GLU A 132 3.76 30.06 -8.02
N PHE A 133 3.31 29.07 -7.25
CA PHE A 133 1.89 28.85 -7.01
C PHE A 133 1.37 29.82 -5.95
N GLN A 134 0.08 30.14 -6.06
CA GLN A 134 -0.64 30.88 -5.03
C GLN A 134 -1.58 29.96 -4.27
N PHE A 135 -1.56 30.04 -2.95
CA PHE A 135 -2.24 29.08 -2.08
C PHE A 135 -3.30 29.76 -1.24
N CYS A 136 -4.39 29.04 -0.99
CA CYS A 136 -5.40 29.46 -0.04
C CYS A 136 -5.02 28.92 1.35
N ASN A 137 -5.82 29.25 2.36
CA ASN A 137 -5.45 28.92 3.73
C ASN A 137 -5.59 27.44 4.06
N ASP A 138 -6.49 26.73 3.38
CA ASP A 138 -6.78 25.33 3.68
C ASP A 138 -6.65 24.54 2.39
N PRO A 139 -5.45 24.08 2.05
CA PRO A 139 -5.31 23.23 0.87
C PRO A 139 -5.67 21.77 1.15
N PHE A 140 -6.30 21.16 0.15
CA PHE A 140 -6.74 19.76 0.20
C PHE A 140 -6.86 19.27 -1.23
N LEU A 141 -6.80 17.96 -1.41
CA LEU A 141 -7.06 17.32 -2.70
C LEU A 141 -8.42 16.62 -2.63
N GLY A 142 -9.33 17.02 -3.51
CA GLY A 142 -10.69 16.53 -3.48
C GLY A 142 -10.96 15.48 -4.53
N VAL A 143 -11.39 14.30 -4.09
CA VAL A 143 -11.77 13.21 -4.97
C VAL A 143 -13.28 13.07 -5.04
N TYR A 144 -13.82 12.97 -6.27
CA TYR A 144 -15.25 12.89 -6.51
C TYR A 144 -15.63 11.48 -6.95
N TYR A 145 -16.75 10.96 -6.41
CA TYR A 145 -17.23 9.64 -6.80
C TYR A 145 -18.63 9.82 -7.36
N HIS A 146 -18.90 9.22 -8.51
CA HIS A 146 -20.20 9.36 -9.17
C HIS A 146 -20.95 8.03 -9.15
N LYS A 147 -22.27 8.10 -9.10
CA LYS A 147 -23.06 6.88 -9.15
C LYS A 147 -23.21 6.32 -10.57
N ASN A 148 -23.39 7.20 -11.56
CA ASN A 148 -23.72 6.78 -12.93
C ASN A 148 -22.52 6.20 -13.69
N ASN A 149 -21.31 6.72 -13.46
CA ASN A 149 -20.12 6.23 -14.15
C ASN A 149 -19.10 5.58 -13.20
N LYS A 150 -19.20 5.83 -11.90
CA LYS A 150 -18.27 5.36 -10.88
C LYS A 150 -16.81 5.78 -11.00
N SER A 151 -16.41 6.53 -12.02
CA SER A 151 -15.00 6.85 -12.12
C SER A 151 -14.64 7.87 -11.05
N TRP A 152 -13.47 7.68 -10.43
CA TRP A 152 -12.91 8.60 -9.46
C TRP A 152 -11.79 9.41 -10.10
N MET A 153 -11.88 10.73 -10.09
CA MET A 153 -10.82 11.49 -10.74
C MET A 153 -10.24 12.54 -9.82
N GLU A 154 -8.92 12.60 -9.83
CA GLU A 154 -8.09 13.59 -9.16
C GLU A 154 -8.08 14.94 -9.88
N SER A 155 -9.07 15.18 -10.76
CA SER A 155 -9.03 16.37 -11.60
C SER A 155 -9.38 17.65 -10.86
N GLU A 156 -8.86 17.79 -9.64
CA GLU A 156 -9.20 18.88 -8.75
C GLU A 156 -7.93 19.54 -8.25
N PHE A 157 -8.01 20.86 -8.05
CA PHE A 157 -6.84 21.65 -7.67
C PHE A 157 -7.39 22.80 -6.83
N ARG A 158 -7.24 22.67 -5.52
CA ARG A 158 -7.67 23.68 -4.59
C ARG A 158 -6.57 23.97 -3.57
N VAL A 159 -5.43 23.30 -3.71
CA VAL A 159 -4.27 23.68 -2.93
C VAL A 159 -3.70 24.99 -3.45
N TYR A 160 -3.66 25.12 -4.77
CA TYR A 160 -3.23 26.31 -5.46
C TYR A 160 -4.41 26.76 -6.31
N SER A 161 -4.61 28.07 -6.43
CA SER A 161 -5.71 28.54 -7.26
C SER A 161 -5.38 28.30 -8.72
N SER A 162 -4.16 28.64 -9.11
CA SER A 162 -3.65 28.48 -10.45
C SER A 162 -2.14 28.39 -10.30
N ALA A 163 -1.43 28.31 -11.41
CA ALA A 163 0.01 28.26 -11.30
C ALA A 163 0.51 29.50 -12.02
N ASN A 164 1.73 29.92 -11.70
CA ASN A 164 2.17 31.13 -12.36
C ASN A 164 3.67 31.20 -12.59
N ASN A 165 4.03 31.47 -13.85
CA ASN A 165 5.37 31.66 -14.37
C ASN A 165 6.25 30.58 -13.74
N CYS A 166 6.02 29.34 -14.18
CA CYS A 166 6.53 28.08 -13.59
C CYS A 166 7.89 27.67 -14.13
N THR A 167 8.71 27.09 -13.26
CA THR A 167 10.10 26.71 -13.56
C THR A 167 10.39 25.22 -13.68
N PHE A 168 9.92 24.37 -12.75
CA PHE A 168 10.32 22.97 -12.73
C PHE A 168 9.14 22.00 -12.62
N GLU A 169 9.28 20.87 -13.32
CA GLU A 169 8.27 19.81 -13.38
C GLU A 169 9.02 18.49 -13.33
N TYR A 170 8.48 17.51 -12.61
CA TYR A 170 9.12 16.19 -12.49
C TYR A 170 8.09 15.10 -12.27
N VAL A 171 8.15 14.05 -13.09
CA VAL A 171 7.25 12.91 -13.03
C VAL A 171 8.07 11.63 -12.87
N SER A 172 7.71 10.80 -11.89
CA SER A 172 8.49 9.61 -11.58
C SER A 172 7.58 8.60 -10.88
N GLN A 173 8.18 7.51 -10.39
CA GLN A 173 7.44 6.51 -9.63
C GLN A 173 7.06 7.11 -8.29
N PRO A 174 5.83 6.89 -7.79
CA PRO A 174 5.44 7.51 -6.52
C PRO A 174 6.18 6.98 -5.31
N PHE A 175 6.43 7.91 -4.37
CA PHE A 175 7.15 7.60 -3.14
C PHE A 175 6.31 6.74 -2.22
N LEU A 176 5.12 7.23 -1.86
CA LEU A 176 4.16 6.48 -1.06
C LEU A 176 3.74 5.25 -1.83
N MET A 177 4.15 4.08 -1.38
CA MET A 177 3.88 2.82 -2.07
C MET A 177 3.10 1.95 -1.10
N ASP A 178 1.97 1.42 -1.57
CA ASP A 178 1.14 0.45 -0.87
C ASP A 178 1.88 -0.63 -0.08
N LEU A 179 2.61 -1.54 -0.72
CA LEU A 179 3.23 -2.66 -0.02
C LEU A 179 2.19 -3.37 0.83
N GLU A 180 1.00 -3.56 0.25
CA GLU A 180 -0.09 -4.18 0.97
C GLU A 180 -0.61 -5.39 0.20
N GLY A 181 -1.29 -6.24 0.96
CA GLY A 181 -1.87 -7.48 0.48
C GLY A 181 -1.84 -8.45 1.63
N LYS A 182 -0.88 -8.26 2.53
CA LYS A 182 -0.79 -9.09 3.72
C LYS A 182 -1.91 -8.71 4.68
N GLN A 183 -2.33 -9.68 5.47
CA GLN A 183 -3.40 -9.53 6.45
C GLN A 183 -2.93 -9.38 7.89
N GLY A 184 -3.92 -9.31 8.77
CA GLY A 184 -3.79 -9.20 10.20
C GLY A 184 -3.58 -7.79 10.74
N ASN A 185 -3.00 -7.77 11.94
CA ASN A 185 -2.81 -6.56 12.74
C ASN A 185 -1.68 -5.66 12.27
N PHE A 186 -0.89 -6.04 11.27
CA PHE A 186 0.17 -5.15 10.85
C PHE A 186 -0.37 -3.91 10.14
N LYS A 187 0.32 -2.80 10.34
CA LYS A 187 -0.06 -1.49 9.84
C LYS A 187 1.01 -0.94 8.90
N ASN A 188 0.61 -0.02 8.05
CA ASN A 188 1.49 0.59 7.06
C ASN A 188 2.07 1.87 7.66
N LEU A 189 3.22 1.72 8.31
CA LEU A 189 4.02 2.84 8.84
C LEU A 189 4.89 3.41 7.72
N ARG A 190 4.61 4.63 7.31
CA ARG A 190 5.36 5.28 6.23
C ARG A 190 6.26 6.37 6.80
N GLU A 191 7.57 6.21 6.64
CA GLU A 191 8.55 7.13 7.20
C GLU A 191 9.19 7.98 6.10
N PHE A 192 9.49 9.24 6.41
CA PHE A 192 10.09 10.14 5.44
C PHE A 192 11.09 11.07 6.11
N VAL A 193 12.14 11.43 5.37
CA VAL A 193 13.13 12.40 5.82
C VAL A 193 13.33 13.43 4.72
N PHE A 194 13.12 14.70 5.04
CA PHE A 194 13.33 15.81 4.13
C PHE A 194 14.46 16.69 4.66
N LYS A 195 15.39 17.04 3.77
CA LYS A 195 16.48 17.94 4.11
C LYS A 195 16.77 18.82 2.90
N ASN A 196 17.30 20.02 3.16
CA ASN A 196 17.55 20.96 2.03
C ASN A 196 19.01 21.42 2.08
N ILE A 197 19.86 20.79 1.26
CA ILE A 197 21.32 21.15 1.26
C ILE A 197 21.77 21.44 -0.17
N ASP A 198 22.60 22.46 -0.35
CA ASP A 198 23.14 22.78 -1.70
C ASP A 198 22.00 22.76 -2.73
N GLY A 199 20.87 23.39 -2.40
CA GLY A 199 19.74 23.45 -3.34
C GLY A 199 19.39 22.07 -3.85
N TYR A 200 19.54 21.04 -3.02
CA TYR A 200 19.15 19.66 -3.42
C TYR A 200 18.21 19.10 -2.35
N PHE A 201 16.91 19.05 -2.66
CA PHE A 201 15.92 18.53 -1.69
C PHE A 201 16.01 17.01 -1.68
N LYS A 202 16.74 16.45 -0.71
CA LYS A 202 16.93 14.98 -0.65
C LYS A 202 15.76 14.34 0.09
N ILE A 203 15.26 13.20 -0.40
CA ILE A 203 14.13 12.53 0.22
C ILE A 203 14.50 11.09 0.51
N TYR A 204 14.35 10.68 1.77
CA TYR A 204 14.60 9.31 2.21
C TYR A 204 13.32 8.69 2.75
N SER A 205 13.16 7.38 2.55
CA SER A 205 11.94 6.71 2.99
C SER A 205 12.20 5.23 3.22
N LYS A 206 11.36 4.64 4.07
CA LYS A 206 11.23 3.20 4.22
C LYS A 206 9.85 2.92 4.80
N HIS A 207 9.31 1.74 4.52
CA HIS A 207 7.99 1.36 5.01
C HIS A 207 8.14 0.09 5.83
N THR A 208 7.60 0.09 7.05
CA THR A 208 7.71 -1.06 7.93
C THR A 208 6.34 -1.47 8.46
N PRO A 209 5.98 -2.75 8.33
CA PRO A 209 4.80 -3.27 9.04
C PRO A 209 4.95 -3.20 10.56
N ILE A 210 3.88 -2.80 11.25
CA ILE A 210 3.86 -2.74 12.69
C ILE A 210 2.60 -3.44 13.18
N ASN A 211 2.75 -4.34 14.15
CA ASN A 211 1.64 -5.07 14.75
C ASN A 211 0.75 -4.26 15.70
N LEU A 212 -0.20 -3.55 15.11
CA LEU A 212 -1.16 -2.70 15.83
C LEU A 212 -0.52 -1.93 16.99
N VAL A 213 0.45 -1.10 16.67
CA VAL A 213 1.10 -0.27 17.67
C VAL A 213 0.53 1.13 17.56
N ARG A 214 0.17 1.72 18.70
CA ARG A 214 -0.28 3.12 18.77
C ARG A 214 0.84 4.09 19.11
N ASP A 215 2.05 3.86 18.63
CA ASP A 215 3.21 4.67 18.91
C ASP A 215 4.32 4.20 17.99
N LEU A 216 5.22 5.12 17.65
CA LEU A 216 6.46 4.75 16.98
C LEU A 216 7.01 3.44 17.53
N PRO A 217 7.22 2.46 16.65
CA PRO A 217 7.54 1.10 17.09
C PRO A 217 8.92 0.99 17.69
N GLN A 218 9.09 -0.03 18.54
CA GLN A 218 10.38 -0.26 19.18
C GLN A 218 11.18 -1.19 18.28
N GLY A 219 11.94 -0.57 17.36
CA GLY A 219 12.78 -1.30 16.43
C GLY A 219 13.89 -0.41 15.86
N PHE A 220 14.17 -0.57 14.57
CA PHE A 220 15.18 0.23 13.89
C PHE A 220 14.72 0.50 12.47
N SER A 221 15.23 1.58 11.88
CA SER A 221 14.82 1.96 10.54
C SER A 221 16.05 2.22 9.66
N ALA A 222 15.91 1.89 8.38
CA ALA A 222 16.94 2.09 7.36
C ALA A 222 16.29 2.81 6.19
N LEU A 223 16.29 4.14 6.19
CA LEU A 223 15.58 4.90 5.17
C LEU A 223 16.40 4.95 3.88
N GLU A 224 15.88 4.34 2.81
CA GLU A 224 16.57 4.32 1.53
C GLU A 224 16.47 5.68 0.83
N PRO A 225 17.51 6.05 0.07
CA PRO A 225 17.45 7.27 -0.73
C PRO A 225 16.47 7.08 -1.89
N LEU A 226 15.69 8.12 -2.18
CA LEU A 226 14.71 8.08 -3.24
C LEU A 226 15.03 9.02 -4.40
N VAL A 227 15.13 10.32 -4.14
CA VAL A 227 15.49 11.28 -5.18
C VAL A 227 16.46 12.30 -4.61
N ASP A 228 17.29 12.85 -5.50
CA ASP A 228 18.19 13.97 -5.18
C ASP A 228 17.83 15.07 -6.19
N LEU A 229 16.83 15.84 -5.84
CA LEU A 229 16.29 16.88 -6.74
C LEU A 229 17.20 18.09 -6.76
N PRO A 230 17.61 18.56 -7.94
CA PRO A 230 18.42 19.78 -8.07
C PRO A 230 17.52 21.02 -8.14
N ILE A 231 17.00 21.41 -6.97
CA ILE A 231 16.03 22.50 -6.88
C ILE A 231 16.70 23.83 -6.55
N GLY A 232 17.29 23.91 -5.35
CA GLY A 232 17.92 25.17 -4.93
C GLY A 232 16.89 26.24 -4.67
N ILE A 233 15.92 25.97 -3.79
CA ILE A 233 14.90 27.01 -3.42
C ILE A 233 14.92 27.17 -1.90
N ASN A 234 14.56 28.35 -1.40
CA ASN A 234 14.50 28.59 0.06
C ASN A 234 13.25 27.89 0.61
N ILE A 235 13.42 27.06 1.65
CA ILE A 235 12.26 26.36 2.26
C ILE A 235 12.30 26.58 3.77
N THR A 236 11.31 27.30 4.31
CA THR A 236 11.32 27.61 5.77
C THR A 236 10.04 27.07 6.41
N ARG A 237 8.88 27.27 5.77
CA ARG A 237 7.60 26.81 6.35
C ARG A 237 7.00 25.74 5.44
N PHE A 238 7.15 24.46 5.83
CA PHE A 238 6.59 23.36 5.02
C PHE A 238 5.14 23.12 5.44
N GLN A 239 4.45 22.23 4.73
CA GLN A 239 3.08 21.88 5.10
C GLN A 239 2.72 20.62 4.35
N THR A 240 1.79 19.87 4.94
CA THR A 240 1.42 18.55 4.44
C THR A 240 0.02 18.59 3.84
N LEU A 241 -0.08 18.06 2.62
CA LEU A 241 -1.36 17.92 1.95
C LEU A 241 -2.13 16.71 2.45
N LEU A 242 -3.44 16.80 2.30
CA LEU A 242 -4.37 15.74 2.67
C LEU A 242 -5.34 15.57 1.52
N ALA A 243 -6.05 14.45 1.49
CA ALA A 243 -7.09 14.25 0.50
C ALA A 243 -8.43 14.07 1.19
N LEU A 244 -9.43 14.78 0.67
CA LEU A 244 -10.78 14.74 1.20
C LEU A 244 -11.75 14.33 0.09
N HIS A 245 -12.79 13.60 0.45
CA HIS A 245 -13.78 13.18 -0.53
C HIS A 245 -14.75 14.32 -0.78
N ARG A 246 -15.86 14.05 -1.48
CA ARG A 246 -16.82 15.09 -1.83
C ARG A 246 -18.00 15.12 -0.88
N SER A 247 -18.76 14.01 -0.81
CA SER A 247 -19.98 13.88 -0.03
C SER A 247 -21.08 14.84 -0.51
N SER A 256 -21.19 20.89 6.45
CA SER A 256 -19.88 20.23 6.49
C SER A 256 -19.54 19.67 5.12
N GLY A 257 -19.49 20.54 4.13
CA GLY A 257 -19.16 20.12 2.78
C GLY A 257 -17.67 19.88 2.59
N TRP A 258 -17.35 18.84 1.82
CA TRP A 258 -15.98 18.45 1.50
C TRP A 258 -15.20 17.94 2.72
N THR A 259 -15.79 17.03 3.48
CA THR A 259 -15.06 16.42 4.59
C THR A 259 -15.14 14.89 4.50
N ALA A 260 -14.11 14.24 5.06
CA ALA A 260 -13.95 12.79 4.98
C ALA A 260 -12.60 12.29 5.49
N GLY A 261 -12.43 10.97 5.54
CA GLY A 261 -11.21 10.32 6.00
C GLY A 261 -10.97 10.12 7.49
N ALA A 262 -9.73 9.69 7.75
CA ALA A 262 -9.20 9.36 9.07
C ALA A 262 -7.68 9.33 8.94
N ALA A 263 -6.98 10.16 9.72
CA ALA A 263 -5.52 10.18 9.60
C ALA A 263 -4.86 10.67 10.87
N ALA A 264 -3.59 10.28 11.01
CA ALA A 264 -2.72 10.70 12.10
C ALA A 264 -1.29 10.59 11.61
N TYR A 265 -0.49 11.63 11.85
CA TYR A 265 0.91 11.64 11.46
C TYR A 265 1.76 12.33 12.52
N TYR A 266 3.08 12.23 12.37
CA TYR A 266 4.02 12.61 13.41
C TYR A 266 5.16 13.33 12.71
N VAL A 267 5.48 14.53 13.22
CA VAL A 267 6.51 15.38 12.65
C VAL A 267 7.57 15.66 13.70
N GLY A 268 8.84 15.46 13.32
CA GLY A 268 9.95 15.87 14.15
C GLY A 268 11.00 16.54 13.30
N TYR A 269 11.96 17.18 13.97
CA TYR A 269 12.94 18.00 13.28
C TYR A 269 14.33 17.41 13.44
N LEU A 270 15.12 17.47 12.37
CA LEU A 270 16.48 17.02 12.42
C LEU A 270 17.40 18.14 12.89
N GLN A 271 18.43 17.77 13.64
CA GLN A 271 19.41 18.72 14.14
C GLN A 271 20.79 18.17 13.81
N PRO A 272 21.80 19.04 13.72
CA PRO A 272 23.16 18.54 13.46
C PRO A 272 23.76 17.79 14.64
N ARG A 273 23.90 16.48 14.47
CA ARG A 273 24.41 15.59 15.51
C ARG A 273 25.44 14.65 14.89
N THR A 274 25.97 13.76 15.72
CA THR A 274 26.95 12.77 15.31
C THR A 274 26.46 11.40 15.72
N PHE A 275 26.36 10.47 14.76
CA PHE A 275 26.00 9.10 15.04
C PHE A 275 27.18 8.18 14.73
N LEU A 276 27.11 6.97 15.26
CA LEU A 276 28.02 5.90 14.91
C LEU A 276 27.18 4.72 14.46
N LEU A 277 27.33 4.33 13.19
CA LEU A 277 26.53 3.27 12.61
C LEU A 277 27.32 1.96 12.54
N LYS A 278 26.67 0.86 12.90
CA LYS A 278 27.28 -0.47 12.75
C LYS A 278 26.60 -1.17 11.59
N TYR A 279 27.39 -1.61 10.62
CA TYR A 279 26.87 -2.28 9.45
C TYR A 279 26.89 -3.79 9.65
N ASN A 280 25.81 -4.45 9.22
CA ASN A 280 25.73 -5.90 9.35
C ASN A 280 26.41 -6.58 8.16
N GLU A 281 26.31 -7.91 8.13
CA GLU A 281 26.93 -8.69 7.06
C GLU A 281 26.18 -8.61 5.74
N ASN A 282 24.93 -8.17 5.74
CA ASN A 282 24.21 -7.95 4.50
C ASN A 282 24.38 -6.55 3.94
N GLY A 283 25.16 -5.71 4.62
CA GLY A 283 25.37 -4.35 4.17
C GLY A 283 24.35 -3.37 4.67
N THR A 284 23.30 -3.84 5.33
CA THR A 284 22.26 -3.00 5.89
C THR A 284 22.55 -2.73 7.37
N ILE A 285 22.12 -1.57 7.83
CA ILE A 285 22.42 -1.18 9.19
C ILE A 285 21.55 -1.97 10.16
N THR A 286 22.11 -2.28 11.34
CA THR A 286 21.39 -3.01 12.37
C THR A 286 20.89 -2.06 13.44
N ASP A 287 21.81 -1.32 14.06
CA ASP A 287 21.49 -0.36 15.11
C ASP A 287 22.47 0.79 15.04
N ALA A 288 22.03 1.96 15.53
CA ALA A 288 22.83 3.17 15.54
C ALA A 288 22.99 3.66 16.97
N VAL A 289 24.21 4.03 17.35
CA VAL A 289 24.46 4.49 18.71
C VAL A 289 24.73 5.99 18.66
N ASP A 290 23.85 6.76 19.30
CA ASP A 290 23.93 8.21 19.29
C ASP A 290 25.13 8.67 20.09
N CYS A 291 25.58 9.89 19.85
CA CYS A 291 26.79 10.39 20.50
C CYS A 291 26.53 11.57 21.42
N ALA A 292 25.26 11.86 21.75
CA ALA A 292 24.98 13.03 22.56
C ALA A 292 23.82 12.89 23.54
N LEU A 293 23.31 11.68 23.79
CA LEU A 293 22.18 11.53 24.71
C LEU A 293 22.62 11.14 26.11
N ASP A 294 23.38 10.05 26.24
CA ASP A 294 23.72 9.44 27.51
C ASP A 294 25.23 9.31 27.64
N PRO A 295 25.75 9.34 28.88
CA PRO A 295 27.17 9.08 29.07
C PRO A 295 27.64 7.72 28.56
N LEU A 296 26.80 6.69 28.64
CA LEU A 296 27.17 5.42 28.03
C LEU A 296 27.31 5.54 26.52
N SER A 297 26.38 6.25 25.86
CA SER A 297 26.53 6.47 24.42
C SER A 297 27.72 7.35 24.07
N GLU A 298 28.07 8.32 24.90
CA GLU A 298 29.27 9.13 24.62
C GLU A 298 30.52 8.27 24.71
N THR A 299 30.60 7.39 25.73
CA THR A 299 31.75 6.52 25.82
C THR A 299 31.80 5.53 24.65
N LYS A 300 30.64 5.01 24.24
CA LYS A 300 30.59 4.12 23.09
C LYS A 300 31.03 4.82 21.81
N CYS A 301 30.72 6.11 21.69
CA CYS A 301 31.13 6.89 20.54
C CYS A 301 32.64 7.16 20.56
N THR A 302 33.16 7.52 21.73
CA THR A 302 34.56 7.88 21.85
C THR A 302 35.48 6.68 21.86
N LEU A 303 34.95 5.46 22.06
CA LEU A 303 35.73 4.25 21.91
C LEU A 303 35.44 3.49 20.62
N LYS A 304 34.48 3.92 19.82
CA LYS A 304 34.24 3.30 18.51
C LYS A 304 33.91 1.81 18.59
N SER A 305 33.06 1.42 19.53
CA SER A 305 32.65 0.03 19.60
C SER A 305 31.25 -0.05 20.18
N PHE A 306 30.58 -1.18 19.92
CA PHE A 306 29.20 -1.32 20.35
C PHE A 306 29.08 -2.12 21.64
N THR A 307 30.19 -2.70 22.11
CA THR A 307 30.24 -3.43 23.36
C THR A 307 31.34 -2.81 24.20
N VAL A 308 31.03 -2.42 25.43
CA VAL A 308 32.04 -1.87 26.32
C VAL A 308 32.04 -2.65 27.63
N GLU A 309 33.23 -2.87 28.16
CA GLU A 309 33.41 -3.59 29.42
C GLU A 309 33.28 -2.61 30.58
N LYS A 310 33.68 -3.06 31.77
CA LYS A 310 33.67 -2.20 32.95
C LYS A 310 35.01 -1.49 33.05
N GLY A 311 34.99 -0.30 33.64
CA GLY A 311 36.22 0.45 33.81
C GLY A 311 35.97 1.93 33.64
N ILE A 312 37.05 2.65 33.35
CA ILE A 312 37.04 4.09 33.12
C ILE A 312 37.32 4.34 31.64
N TYR A 313 36.44 5.11 31.00
CA TYR A 313 36.55 5.46 29.59
C TYR A 313 36.47 6.98 29.46
N GLN A 314 37.61 7.60 29.14
CA GLN A 314 37.61 9.03 28.88
C GLN A 314 36.82 9.33 27.62
N THR A 315 35.98 10.35 27.69
CA THR A 315 34.99 10.65 26.67
C THR A 315 35.32 11.95 25.94
N SER A 316 35.18 11.94 24.61
CA SER A 316 35.28 13.19 23.89
C SER A 316 34.05 14.03 24.23
N ASN A 317 34.20 15.35 24.14
CA ASN A 317 33.21 16.26 24.70
C ASN A 317 32.10 16.53 23.70
N PHE A 318 30.95 15.90 23.92
CA PHE A 318 29.75 16.18 23.12
C PHE A 318 28.58 16.62 24.00
N ARG A 319 28.83 16.89 25.28
CA ARG A 319 27.72 17.05 26.22
C ARG A 319 27.01 18.39 25.98
N VAL A 320 27.79 19.45 25.84
CA VAL A 320 27.31 20.82 25.90
C VAL A 320 27.50 21.44 24.52
N GLN A 321 26.50 22.20 24.07
CA GLN A 321 26.62 22.99 22.85
C GLN A 321 26.28 24.44 23.18
N PRO A 322 27.21 25.39 22.98
CA PRO A 322 26.99 26.81 23.30
C PRO A 322 25.98 27.46 22.37
N GLU B 1 -20.44 0.81 -17.04
CA GLU B 1 -20.53 -0.59 -16.65
C GLU B 1 -19.15 -1.25 -16.64
N VAL B 2 -18.87 -2.02 -15.61
CA VAL B 2 -17.58 -2.71 -15.49
C VAL B 2 -17.64 -4.00 -16.29
N GLN B 3 -16.62 -4.23 -17.11
CA GLN B 3 -16.55 -5.44 -17.92
C GLN B 3 -15.08 -5.68 -18.26
N LEU B 4 -14.72 -6.96 -18.43
CA LEU B 4 -13.33 -7.36 -18.65
C LEU B 4 -13.27 -8.32 -19.83
N VAL B 5 -13.02 -7.77 -21.03
CA VAL B 5 -13.01 -8.55 -22.26
C VAL B 5 -11.58 -8.88 -22.62
N GLU B 6 -11.36 -10.08 -23.17
CA GLU B 6 -10.04 -10.59 -23.47
C GLU B 6 -9.94 -11.01 -24.92
N SER B 7 -8.71 -11.28 -25.36
CA SER B 7 -8.42 -11.76 -26.70
C SER B 7 -6.98 -12.25 -26.72
N GLY B 8 -6.63 -12.94 -27.80
CA GLY B 8 -5.27 -13.36 -28.01
C GLY B 8 -5.01 -14.85 -27.84
N GLY B 9 -5.97 -15.68 -28.27
CA GLY B 9 -5.78 -17.11 -28.19
C GLY B 9 -4.88 -17.63 -29.30
N GLY B 10 -4.52 -18.91 -29.19
CA GLY B 10 -3.67 -19.52 -30.18
C GLY B 10 -3.04 -20.84 -29.81
N LEU B 11 -2.85 -21.70 -30.80
CA LEU B 11 -2.30 -23.04 -30.61
C LEU B 11 -0.83 -23.01 -31.03
N VAL B 12 0.07 -23.35 -30.12
CA VAL B 12 1.50 -23.31 -30.39
C VAL B 12 2.19 -24.46 -29.67
N GLN B 13 3.34 -24.85 -30.19
CA GLN B 13 4.21 -25.79 -29.50
C GLN B 13 4.76 -25.13 -28.24
N PRO B 14 5.13 -25.92 -27.23
CA PRO B 14 5.77 -25.34 -26.05
C PRO B 14 6.99 -24.50 -26.41
N GLY B 15 7.15 -23.38 -25.71
CA GLY B 15 8.17 -22.40 -26.01
C GLY B 15 7.75 -21.26 -26.90
N GLY B 16 6.51 -21.27 -27.40
CA GLY B 16 6.07 -20.20 -28.28
C GLY B 16 5.55 -18.98 -27.52
N SER B 17 5.53 -17.85 -28.23
CA SER B 17 5.15 -16.57 -27.66
C SER B 17 3.88 -16.07 -28.32
N LEU B 18 2.91 -15.63 -27.50
CA LEU B 18 1.65 -15.11 -28.02
C LEU B 18 1.34 -13.73 -27.42
N ARG B 19 0.13 -13.22 -27.65
CA ARG B 19 -0.29 -11.90 -27.18
C ARG B 19 -1.62 -11.94 -26.41
N LEU B 20 -1.56 -11.85 -25.09
CA LEU B 20 -2.74 -11.89 -24.23
C LEU B 20 -3.10 -10.50 -23.77
N ALA B 21 -4.41 -10.24 -23.66
CA ALA B 21 -4.91 -8.93 -23.28
C ALA B 21 -6.18 -9.06 -22.45
N CYS B 22 -6.41 -8.05 -21.62
CA CYS B 22 -7.64 -7.88 -20.82
C CYS B 22 -8.12 -6.45 -20.98
N VAL B 23 -8.94 -6.20 -22.00
CA VAL B 23 -9.43 -4.86 -22.22
C VAL B 23 -10.60 -4.65 -21.28
N ALA B 24 -10.76 -3.43 -20.77
CA ALA B 24 -11.85 -3.12 -19.87
C ALA B 24 -12.34 -1.70 -20.13
N SER B 25 -13.51 -1.40 -19.58
CA SER B 25 -14.07 -0.07 -19.72
C SER B 25 -15.08 0.14 -18.60
N GLY B 26 -15.46 1.39 -18.40
CA GLY B 26 -16.47 1.78 -17.44
C GLY B 26 -15.94 2.11 -16.07
N PHE B 27 -14.63 1.99 -15.83
CA PHE B 27 -14.07 2.31 -14.53
C PHE B 27 -12.61 2.68 -14.67
N THR B 28 -12.09 3.31 -13.62
CA THR B 28 -10.73 3.84 -13.61
C THR B 28 -9.69 2.73 -13.48
N PHE B 29 -8.66 2.77 -14.31
CA PHE B 29 -7.54 1.84 -14.16
C PHE B 29 -6.44 2.39 -13.28
N SER B 30 -6.35 3.71 -13.17
CA SER B 30 -5.27 4.33 -12.40
C SER B 30 -5.29 3.86 -10.95
N ILE B 31 -6.48 3.64 -10.40
CA ILE B 31 -6.63 3.32 -8.98
C ILE B 31 -6.98 1.86 -8.77
N TYR B 32 -6.98 1.05 -9.83
CA TYR B 32 -7.25 -0.38 -9.74
C TYR B 32 -6.03 -1.16 -10.20
N GLU B 33 -5.47 -1.98 -9.32
CA GLU B 33 -4.47 -2.95 -9.74
C GLU B 33 -5.17 -4.23 -10.18
N MET B 34 -4.53 -4.97 -11.09
CA MET B 34 -5.15 -6.12 -11.73
C MET B 34 -4.35 -7.39 -11.45
N ASN B 35 -5.06 -8.51 -11.31
CA ASN B 35 -4.49 -9.84 -11.17
C ASN B 35 -4.74 -10.69 -12.41
N TRP B 36 -4.09 -11.85 -12.45
CA TRP B 36 -4.34 -12.90 -13.44
C TRP B 36 -4.61 -14.21 -12.73
N VAL B 37 -5.47 -15.04 -13.30
CA VAL B 37 -5.77 -16.35 -12.72
C VAL B 37 -5.80 -17.42 -13.81
N ARG B 38 -5.26 -18.59 -13.47
CA ARG B 38 -5.07 -19.73 -14.37
C ARG B 38 -5.94 -20.87 -13.86
N GLN B 39 -6.68 -21.51 -14.77
CA GLN B 39 -7.57 -22.62 -14.40
C GLN B 39 -7.35 -23.75 -15.39
N ALA B 40 -6.56 -24.76 -15.00
CA ALA B 40 -6.39 -25.91 -15.88
C ALA B 40 -7.71 -26.65 -16.09
N PRO B 41 -7.88 -27.31 -17.22
CA PRO B 41 -9.15 -28.01 -17.50
C PRO B 41 -9.47 -29.07 -16.47
N GLY B 42 -10.57 -28.88 -15.75
CA GLY B 42 -10.97 -29.80 -14.70
C GLY B 42 -10.22 -29.65 -13.39
N LYS B 43 -9.31 -28.70 -13.29
CA LYS B 43 -8.52 -28.48 -12.09
C LYS B 43 -8.97 -27.18 -11.43
N GLY B 44 -8.40 -26.87 -10.27
CA GLY B 44 -8.79 -25.66 -9.60
C GLY B 44 -8.05 -24.46 -10.18
N LEU B 45 -8.69 -23.30 -10.08
CA LEU B 45 -8.08 -22.08 -10.57
C LEU B 45 -6.94 -21.62 -9.66
N GLU B 46 -5.87 -21.11 -10.27
CA GLU B 46 -4.65 -20.71 -9.57
C GLU B 46 -4.12 -19.44 -10.23
N TRP B 47 -3.94 -18.38 -9.44
CA TRP B 47 -3.38 -17.14 -9.95
C TRP B 47 -1.92 -17.35 -10.34
N VAL B 48 -1.44 -16.52 -11.27
CA VAL B 48 -0.08 -16.66 -11.81
C VAL B 48 0.73 -15.39 -11.59
N SER B 49 0.16 -14.22 -11.86
CA SER B 49 0.93 -12.99 -11.79
C SER B 49 -0.03 -11.81 -11.76
N TYR B 50 0.51 -10.65 -11.42
CA TYR B 50 -0.30 -9.44 -11.38
C TYR B 50 0.60 -8.21 -11.42
N ILE B 51 -0.02 -7.08 -11.70
CA ILE B 51 0.65 -5.79 -11.71
C ILE B 51 -0.10 -4.88 -10.75
N THR B 52 0.64 -3.99 -10.10
CA THR B 52 0.02 -3.05 -9.18
C THR B 52 -0.36 -1.76 -9.92
N THR B 53 -1.06 -0.89 -9.21
CA THR B 53 -1.44 0.40 -9.78
C THR B 53 -0.22 1.26 -10.10
N SER B 54 0.78 1.26 -9.22
CA SER B 54 1.98 2.08 -9.46
C SER B 54 2.76 1.58 -10.67
N GLY B 55 2.92 0.25 -10.79
CA GLY B 55 3.66 -0.31 -11.91
C GLY B 55 4.57 -1.47 -11.55
N HIS B 56 4.60 -1.84 -10.27
CA HIS B 56 5.42 -2.97 -9.82
C HIS B 56 4.73 -4.29 -10.14
N ALA B 57 5.52 -5.30 -10.49
CA ALA B 57 5.01 -6.57 -10.95
C ALA B 57 5.45 -7.70 -10.01
N ARG B 58 4.61 -8.73 -9.93
CA ARG B 58 4.86 -9.90 -9.08
C ARG B 58 4.63 -11.18 -9.89
N TYR B 59 5.71 -11.83 -10.29
CA TYR B 59 5.66 -13.08 -11.03
C TYR B 59 5.76 -14.26 -10.08
N ASN B 60 4.89 -14.29 -9.08
CA ASN B 60 4.96 -15.23 -7.98
C ASN B 60 4.11 -16.47 -8.30
N ALA B 61 3.78 -17.26 -7.29
CA ALA B 61 2.96 -18.47 -7.30
C ALA B 61 3.76 -19.69 -7.69
N ASP B 62 5.03 -19.55 -8.07
CA ASP B 62 6.02 -20.61 -8.26
C ASP B 62 5.58 -21.67 -9.25
N SER B 63 4.46 -21.46 -9.93
CA SER B 63 4.11 -22.26 -11.10
C SER B 63 4.66 -21.63 -12.38
N VAL B 64 4.77 -20.31 -12.41
CA VAL B 64 5.48 -19.61 -13.48
C VAL B 64 6.98 -19.83 -13.26
N LYS B 65 7.62 -20.53 -14.18
CA LYS B 65 9.04 -20.82 -14.09
C LYS B 65 9.84 -19.71 -14.76
N GLY B 66 9.57 -18.47 -14.37
CA GLY B 66 10.18 -17.33 -15.03
C GLY B 66 9.75 -17.21 -16.47
N ARG B 67 8.53 -17.65 -16.79
CA ARG B 67 8.02 -17.69 -18.14
C ARG B 67 7.00 -16.62 -18.47
N PHE B 68 6.21 -16.16 -17.50
CA PHE B 68 5.15 -15.19 -17.77
C PHE B 68 5.56 -13.81 -17.29
N THR B 69 5.15 -12.78 -18.03
CA THR B 69 5.45 -11.39 -17.69
C THR B 69 4.20 -10.53 -17.78
N ILE B 70 4.08 -9.58 -16.87
CA ILE B 70 2.89 -8.71 -16.78
C ILE B 70 3.30 -7.26 -16.95
N SER B 71 2.48 -6.50 -17.67
CA SER B 71 2.68 -5.08 -17.86
C SER B 71 1.31 -4.42 -17.94
N ARG B 72 1.30 -3.11 -18.19
CA ARG B 72 0.02 -2.44 -18.37
C ARG B 72 0.22 -1.13 -19.12
N ASP B 73 -0.75 -0.80 -19.98
CA ASP B 73 -0.73 0.43 -20.76
C ASP B 73 -1.95 1.22 -20.29
N ASN B 74 -1.74 2.05 -19.26
CA ASN B 74 -2.82 2.87 -18.73
C ASN B 74 -3.24 3.95 -19.72
N SER B 75 -2.34 4.33 -20.62
CA SER B 75 -2.63 5.38 -21.60
C SER B 75 -3.72 4.92 -22.56
N LYS B 76 -3.62 3.71 -23.08
CA LYS B 76 -4.58 3.15 -24.01
C LYS B 76 -5.73 2.41 -23.32
N ASN B 77 -5.85 2.56 -22.00
CA ASN B 77 -6.98 2.01 -21.24
C ASN B 77 -7.08 0.48 -21.41
N SER B 78 -5.93 -0.19 -21.47
CA SER B 78 -5.89 -1.63 -21.71
C SER B 78 -4.89 -2.31 -20.78
N PHE B 79 -5.06 -3.63 -20.67
CA PHE B 79 -4.31 -4.47 -19.74
C PHE B 79 -3.75 -5.66 -20.51
N TYR B 80 -2.42 -5.78 -20.57
CA TYR B 80 -1.77 -6.90 -21.26
C TYR B 80 -0.94 -7.78 -20.32
N LEU B 81 -1.00 -9.09 -20.55
CA LEU B 81 -0.03 -10.04 -20.01
C LEU B 81 1.13 -10.19 -20.98
N GLN B 82 2.26 -9.55 -20.70
CA GLN B 82 3.39 -9.64 -21.63
C GLN B 82 3.78 -11.10 -21.80
N MET B 83 3.48 -11.70 -22.94
CA MET B 83 3.34 -13.16 -23.01
C MET B 83 4.45 -13.75 -23.88
N ASN B 84 5.07 -14.81 -23.39
CA ASN B 84 6.04 -15.59 -24.15
C ASN B 84 6.26 -16.92 -23.46
N SER B 85 6.83 -17.88 -24.22
CA SER B 85 7.21 -19.19 -23.70
C SER B 85 6.01 -19.96 -23.13
N LEU B 86 5.04 -20.21 -23.99
CA LEU B 86 3.94 -21.11 -23.64
C LEU B 86 4.45 -22.54 -23.53
N ARG B 87 3.90 -23.29 -22.58
CA ARG B 87 4.33 -24.67 -22.35
C ARG B 87 3.10 -25.57 -22.30
N ALA B 88 3.34 -26.87 -22.11
CA ALA B 88 2.27 -27.85 -22.30
C ALA B 88 1.14 -27.66 -21.31
N GLU B 89 1.47 -27.42 -20.03
CA GLU B 89 0.43 -27.26 -19.01
C GLU B 89 -0.37 -25.98 -19.18
N ASP B 90 0.09 -25.05 -20.02
CA ASP B 90 -0.52 -23.74 -20.10
C ASP B 90 -1.82 -23.73 -20.89
N THR B 91 -2.24 -24.86 -21.45
CA THR B 91 -3.54 -24.95 -22.11
C THR B 91 -4.64 -24.88 -21.04
N ALA B 92 -5.25 -23.70 -20.92
CA ALA B 92 -6.20 -23.47 -19.83
C ALA B 92 -6.93 -22.16 -20.10
N ILE B 93 -7.95 -21.91 -19.30
CA ILE B 93 -8.64 -20.63 -19.30
C ILE B 93 -7.87 -19.64 -18.46
N TYR B 94 -7.87 -18.36 -18.86
CA TYR B 94 -7.05 -17.34 -18.24
C TYR B 94 -7.93 -16.21 -17.74
N TYR B 95 -8.98 -16.52 -16.98
CA TYR B 95 -9.80 -15.49 -16.39
C TYR B 95 -8.95 -14.40 -15.73
N CYS B 96 -9.05 -13.19 -16.26
CA CYS B 96 -8.49 -12.00 -15.64
C CYS B 96 -9.58 -11.27 -14.86
N ALA B 97 -9.29 -10.96 -13.59
CA ALA B 97 -10.27 -10.41 -12.66
C ALA B 97 -9.79 -9.10 -12.05
N ARG B 98 -10.76 -8.31 -11.58
CA ARG B 98 -10.50 -6.97 -11.11
C ARG B 98 -10.71 -6.91 -9.60
N PRO B 99 -9.65 -6.65 -8.83
CA PRO B 99 -9.76 -6.60 -7.37
C PRO B 99 -10.62 -5.47 -6.83
N GLN B 100 -11.21 -5.74 -5.66
CA GLN B 100 -12.14 -4.82 -5.03
C GLN B 100 -11.45 -3.58 -4.43
N TYR B 101 -10.15 -3.64 -4.16
CA TYR B 101 -9.47 -2.52 -3.49
C TYR B 101 -9.05 -1.50 -4.54
N HIS B 102 -9.92 -0.53 -4.79
CA HIS B 102 -9.48 0.63 -5.54
C HIS B 102 -8.73 1.58 -4.61
N TYR B 103 -7.81 2.34 -5.21
CA TYR B 103 -6.85 3.15 -4.47
C TYR B 103 -7.50 4.26 -3.65
N TYR B 104 -8.76 4.58 -3.90
CA TYR B 104 -9.48 5.62 -3.16
C TYR B 104 -10.60 4.92 -2.37
N ASP B 105 -10.23 4.34 -1.24
CA ASP B 105 -11.10 3.41 -0.52
C ASP B 105 -11.25 3.82 0.94
N THR B 106 -12.27 3.25 1.57
CA THR B 106 -12.51 3.45 3.00
C THR B 106 -12.70 2.09 3.66
N SER B 107 -13.14 2.10 4.93
CA SER B 107 -13.47 0.88 5.66
C SER B 107 -12.23 0.00 5.85
N THR B 108 -12.40 -1.19 6.41
CA THR B 108 -11.29 -2.12 6.56
C THR B 108 -10.82 -2.63 5.21
N TYR B 109 -9.54 -3.00 5.13
CA TYR B 109 -8.97 -3.47 3.89
C TYR B 109 -9.21 -4.96 3.67
N HIS B 110 -10.46 -5.41 3.79
CA HIS B 110 -10.84 -6.75 3.38
C HIS B 110 -11.12 -6.78 1.89
N SER B 111 -10.15 -6.30 1.12
CA SER B 111 -10.26 -6.12 -0.32
C SER B 111 -9.08 -6.83 -0.97
N TYR B 112 -8.82 -6.59 -2.26
CA TYR B 112 -7.91 -7.38 -3.10
C TYR B 112 -8.49 -8.75 -3.41
N GLY B 113 -9.65 -9.10 -2.88
CA GLY B 113 -10.38 -10.26 -3.36
C GLY B 113 -11.31 -9.80 -4.46
N PHE B 114 -11.42 -10.63 -5.49
CA PHE B 114 -12.04 -10.19 -6.73
C PHE B 114 -13.54 -10.03 -6.59
N ASP B 115 -14.06 -8.87 -6.96
CA ASP B 115 -15.50 -8.66 -7.05
C ASP B 115 -16.08 -9.05 -8.40
N ILE B 116 -15.35 -8.85 -9.49
CA ILE B 116 -15.81 -9.22 -10.82
C ILE B 116 -14.71 -10.03 -11.52
N TRP B 117 -15.12 -10.80 -12.53
CA TRP B 117 -14.23 -11.65 -13.31
C TRP B 117 -14.48 -11.48 -14.80
N GLY B 118 -13.43 -11.63 -15.58
CA GLY B 118 -13.56 -11.59 -17.03
C GLY B 118 -14.19 -12.87 -17.54
N GLN B 119 -14.55 -12.86 -18.82
CA GLN B 119 -15.16 -14.06 -19.40
C GLN B 119 -14.15 -15.16 -19.65
N GLY B 120 -12.86 -14.84 -19.73
CA GLY B 120 -11.83 -15.83 -19.93
C GLY B 120 -11.62 -16.24 -21.37
N THR B 121 -10.40 -16.67 -21.69
CA THR B 121 -10.06 -17.17 -23.02
C THR B 121 -9.31 -18.49 -22.88
N MET B 122 -9.59 -19.41 -23.80
CA MET B 122 -8.91 -20.69 -23.85
C MET B 122 -7.73 -20.60 -24.81
N VAL B 123 -6.52 -20.75 -24.27
CA VAL B 123 -5.31 -20.76 -25.07
C VAL B 123 -4.77 -22.19 -25.04
N THR B 124 -5.14 -22.97 -26.06
CA THR B 124 -4.72 -24.35 -26.18
C THR B 124 -3.27 -24.47 -26.63
N VAL B 125 -2.49 -25.23 -25.88
CA VAL B 125 -1.06 -25.41 -26.16
C VAL B 125 -0.74 -26.88 -25.96
N SER B 126 -0.01 -27.47 -26.89
CA SER B 126 0.39 -28.87 -26.77
C SER B 126 1.82 -29.08 -27.25
N GLN C 1 1.94 -22.90 1.83
CA GLN C 1 0.76 -22.06 1.95
C GLN C 1 -0.38 -22.79 2.65
N LEU C 2 -1.48 -22.09 2.85
CA LEU C 2 -2.65 -22.66 3.51
C LEU C 2 -3.30 -23.71 2.63
N VAL C 3 -3.83 -24.77 3.26
CA VAL C 3 -4.48 -25.83 2.51
C VAL C 3 -5.92 -25.93 2.97
N LEU C 4 -6.78 -26.25 2.01
CA LEU C 4 -8.23 -26.32 2.18
C LEU C 4 -8.69 -27.77 2.25
N THR C 5 -9.13 -28.21 3.43
CA THR C 5 -9.68 -29.56 3.58
C THR C 5 -11.19 -29.56 3.35
N GLN C 6 -11.59 -29.01 2.21
CA GLN C 6 -12.98 -28.93 1.80
C GLN C 6 -13.39 -30.20 1.06
N SER C 7 -14.50 -30.80 1.46
CA SER C 7 -14.88 -32.10 0.93
C SER C 7 -15.07 -32.02 -0.59
N PRO C 8 -14.53 -32.96 -1.35
CA PRO C 8 -14.77 -32.97 -2.80
C PRO C 8 -16.22 -33.12 -3.20
N SER C 9 -17.05 -33.75 -2.37
CA SER C 9 -18.47 -33.91 -2.69
C SER C 9 -19.29 -33.83 -1.41
N ALA C 10 -20.22 -32.87 -1.36
CA ALA C 10 -21.19 -32.74 -0.29
C ALA C 10 -22.56 -32.42 -0.89
N SER C 11 -23.61 -32.89 -0.22
CA SER C 11 -24.94 -32.87 -0.80
C SER C 11 -26.01 -32.92 0.29
N ALA C 12 -27.21 -32.47 -0.07
CA ALA C 12 -28.38 -32.48 0.80
C ALA C 12 -29.61 -32.27 -0.08
N SER C 13 -30.79 -32.29 0.53
CA SER C 13 -32.03 -32.12 -0.21
C SER C 13 -32.27 -30.65 -0.56
N LEU C 14 -33.04 -30.43 -1.63
CA LEU C 14 -33.45 -29.10 -2.03
C LEU C 14 -34.47 -28.52 -1.04
N GLY C 15 -34.31 -27.23 -0.74
CA GLY C 15 -35.13 -26.57 0.26
C GLY C 15 -34.59 -26.71 1.66
N ALA C 16 -33.63 -27.60 1.85
CA ALA C 16 -32.91 -27.84 3.09
C ALA C 16 -31.80 -26.80 3.25
N SER C 17 -30.88 -27.08 4.18
CA SER C 17 -29.77 -26.21 4.50
C SER C 17 -28.48 -27.04 4.49
N VAL C 18 -27.38 -26.40 4.11
CA VAL C 18 -26.05 -27.00 4.14
C VAL C 18 -25.11 -25.96 4.72
N ASN C 19 -23.91 -26.41 5.10
CA ASN C 19 -22.82 -25.53 5.49
C ASN C 19 -21.53 -25.98 4.80
N LEU C 20 -21.06 -25.22 3.82
CA LEU C 20 -19.71 -25.35 3.27
C LEU C 20 -18.63 -25.01 4.30
N THR C 21 -17.46 -25.64 4.15
CA THR C 21 -16.36 -25.39 5.07
C THR C 21 -15.07 -25.11 4.29
N CYS C 22 -14.45 -23.96 4.57
CA CYS C 22 -13.13 -23.60 4.03
C CYS C 22 -12.11 -23.73 5.14
N THR C 23 -11.20 -24.70 5.05
CA THR C 23 -10.19 -24.89 6.07
C THR C 23 -8.90 -24.14 5.72
N LEU C 24 -8.20 -23.66 6.74
CA LEU C 24 -7.05 -22.79 6.55
C LEU C 24 -5.92 -23.24 7.49
N SER C 25 -4.68 -23.06 7.04
CA SER C 25 -3.52 -23.52 7.79
C SER C 25 -3.36 -22.79 9.12
N SER C 26 -2.87 -23.51 10.13
CA SER C 26 -2.79 -22.97 11.48
C SER C 26 -1.88 -21.75 11.59
N GLY C 27 -0.95 -21.57 10.64
CA GLY C 27 -0.02 -20.46 10.69
C GLY C 27 -0.65 -19.11 10.46
N HIS C 28 -1.83 -19.07 9.86
CA HIS C 28 -2.53 -17.83 9.52
C HIS C 28 -3.93 -17.83 10.11
N ASN C 29 -4.01 -18.17 11.40
CA ASN C 29 -5.29 -18.47 12.05
C ASN C 29 -6.30 -17.35 11.84
N SER C 30 -5.85 -16.09 11.94
CA SER C 30 -6.75 -14.95 11.86
C SER C 30 -6.89 -14.41 10.44
N TYR C 31 -6.61 -15.24 9.43
CA TYR C 31 -6.70 -14.78 8.04
C TYR C 31 -8.12 -14.87 7.51
N ALA C 32 -8.47 -13.88 6.68
CA ALA C 32 -9.77 -13.79 6.02
C ALA C 32 -9.76 -14.44 4.64
N ILE C 33 -10.96 -14.71 4.11
CA ILE C 33 -11.14 -15.34 2.82
C ILE C 33 -12.17 -14.56 2.03
N ALA C 34 -12.27 -14.90 0.74
CA ALA C 34 -13.40 -14.48 -0.09
C ALA C 34 -13.87 -15.67 -0.92
N TRP C 35 -15.18 -15.76 -1.13
CA TRP C 35 -15.78 -16.91 -1.80
C TRP C 35 -16.13 -16.55 -3.23
N HIS C 36 -15.74 -17.41 -4.16
CA HIS C 36 -16.10 -17.29 -5.57
C HIS C 36 -16.86 -18.52 -6.04
N GLN C 37 -18.01 -18.31 -6.68
CA GLN C 37 -18.80 -19.42 -7.20
C GLN C 37 -18.59 -19.49 -8.70
N GLN C 38 -18.16 -20.66 -9.18
CA GLN C 38 -17.84 -20.86 -10.60
C GLN C 38 -18.94 -21.81 -11.08
N GLN C 39 -20.01 -21.24 -11.63
CA GLN C 39 -21.00 -22.08 -12.28
C GLN C 39 -20.37 -22.70 -13.52
N PRO C 40 -20.70 -23.95 -13.85
CA PRO C 40 -19.98 -24.61 -14.95
C PRO C 40 -20.21 -23.95 -16.29
N GLU C 41 -19.16 -23.95 -17.12
CA GLU C 41 -19.15 -23.40 -18.47
C GLU C 41 -19.40 -21.90 -18.51
N LYS C 42 -19.16 -21.20 -17.41
CA LYS C 42 -19.29 -19.75 -17.34
C LYS C 42 -18.11 -19.24 -16.52
N GLY C 43 -18.17 -17.97 -16.13
CA GLY C 43 -17.11 -17.38 -15.35
C GLY C 43 -17.39 -17.40 -13.87
N PRO C 44 -16.38 -17.05 -13.07
CA PRO C 44 -16.55 -17.00 -11.62
C PRO C 44 -17.45 -15.86 -11.19
N ARG C 45 -18.12 -16.09 -10.06
CA ARG C 45 -19.02 -15.11 -9.45
C ARG C 45 -18.63 -14.96 -7.99
N TYR C 46 -18.35 -13.73 -7.58
CA TYR C 46 -17.91 -13.45 -6.22
C TYR C 46 -19.11 -13.22 -5.30
N LEU C 47 -19.14 -13.96 -4.19
CA LEU C 47 -20.24 -13.86 -3.23
C LEU C 47 -19.90 -12.93 -2.06
N MET C 48 -18.90 -13.28 -1.27
CA MET C 48 -18.62 -12.54 -0.05
C MET C 48 -17.15 -12.60 0.30
N SER C 49 -16.62 -11.49 0.80
CA SER C 49 -15.33 -11.46 1.47
C SER C 49 -15.58 -11.60 2.97
N LEU C 50 -15.26 -12.77 3.51
CA LEU C 50 -15.61 -13.12 4.88
C LEU C 50 -14.56 -12.56 5.83
N ASN C 51 -14.99 -11.77 6.80
CA ASN C 51 -14.09 -11.36 7.86
C ASN C 51 -13.90 -12.50 8.85
N SER C 52 -12.89 -12.36 9.72
CA SER C 52 -12.66 -13.34 10.76
C SER C 52 -13.77 -13.35 11.80
N ASP C 53 -14.61 -12.32 11.81
CA ASP C 53 -15.72 -12.19 12.74
C ASP C 53 -17.06 -12.56 12.09
N GLY C 54 -17.05 -12.94 10.81
CA GLY C 54 -18.26 -13.33 10.12
C GLY C 54 -19.03 -12.19 9.48
N SER C 55 -18.45 -11.00 9.43
CA SER C 55 -19.13 -9.86 8.82
C SER C 55 -19.24 -10.07 7.32
N HIS C 56 -20.13 -9.30 6.69
CA HIS C 56 -20.48 -9.52 5.29
C HIS C 56 -20.05 -8.36 4.41
N THR C 57 -19.55 -8.69 3.23
CA THR C 57 -19.46 -7.78 2.09
C THR C 57 -19.96 -8.50 0.85
N LYS C 58 -21.06 -8.01 0.28
CA LYS C 58 -21.89 -8.79 -0.63
C LYS C 58 -21.72 -8.31 -2.07
N GLY C 59 -21.72 -9.26 -3.00
CA GLY C 59 -21.77 -8.96 -4.42
C GLY C 59 -23.18 -8.80 -4.93
N ASP C 60 -23.29 -8.35 -6.19
CA ASP C 60 -24.59 -8.10 -6.77
C ASP C 60 -25.36 -9.39 -7.04
N GLY C 61 -26.68 -9.31 -6.86
CA GLY C 61 -27.60 -10.39 -7.19
C GLY C 61 -27.64 -11.58 -6.26
N ILE C 62 -26.97 -11.51 -5.13
CA ILE C 62 -26.89 -12.63 -4.18
C ILE C 62 -27.78 -12.31 -2.99
N PRO C 63 -28.79 -13.12 -2.70
CA PRO C 63 -29.69 -12.82 -1.59
C PRO C 63 -29.04 -13.04 -0.23
N ASP C 64 -29.77 -12.72 0.84
CA ASP C 64 -29.33 -13.00 2.20
C ASP C 64 -29.26 -14.49 2.51
N ARG C 65 -29.76 -15.35 1.63
CA ARG C 65 -29.61 -16.79 1.82
C ARG C 65 -28.13 -17.17 1.97
N PHE C 66 -27.28 -16.64 1.10
CA PHE C 66 -25.85 -16.95 1.15
C PHE C 66 -25.21 -16.09 2.23
N SER C 67 -24.76 -16.73 3.30
CA SER C 67 -24.18 -16.04 4.43
C SER C 67 -22.94 -16.78 4.89
N GLY C 68 -22.07 -16.06 5.59
CA GLY C 68 -20.81 -16.62 6.06
C GLY C 68 -20.69 -16.54 7.57
N SER C 69 -19.96 -17.50 8.14
CA SER C 69 -19.67 -17.53 9.56
C SER C 69 -18.21 -17.95 9.75
N SER C 70 -17.68 -17.64 10.92
CA SER C 70 -16.28 -17.91 11.25
C SER C 70 -16.17 -18.52 12.65
N SER C 71 -15.19 -19.39 12.80
CA SER C 71 -14.93 -20.03 14.10
C SER C 71 -13.51 -20.56 14.09
N GLY C 72 -12.66 -19.98 14.96
CA GLY C 72 -11.27 -20.37 15.03
C GLY C 72 -10.50 -19.91 13.80
N ALA C 73 -9.64 -20.80 13.30
CA ALA C 73 -8.80 -20.54 12.14
C ALA C 73 -9.43 -21.02 10.84
N GLU C 74 -10.61 -21.62 10.92
CA GLU C 74 -11.34 -22.14 9.78
C GLU C 74 -12.54 -21.25 9.50
N ARG C 75 -13.17 -21.43 8.34
CA ARG C 75 -14.28 -20.57 7.93
C ARG C 75 -15.43 -21.37 7.34
N PHE C 76 -16.64 -20.81 7.44
CA PHE C 76 -17.86 -21.39 6.89
C PHE C 76 -18.57 -20.44 5.92
N LEU C 77 -19.26 -21.02 4.94
CA LEU C 77 -20.27 -20.33 4.14
C LEU C 77 -21.60 -21.07 4.30
N THR C 78 -22.66 -20.34 4.64
CA THR C 78 -23.97 -20.95 4.94
C THR C 78 -24.90 -20.83 3.73
N ILE C 79 -25.60 -21.93 3.40
CA ILE C 79 -26.66 -21.92 2.40
C ILE C 79 -27.94 -22.51 3.00
N SER C 80 -29.04 -21.79 2.86
CA SER C 80 -30.36 -22.22 3.31
C SER C 80 -31.36 -22.20 2.15
N SER C 81 -32.31 -23.15 2.18
CA SER C 81 -33.38 -23.27 1.17
C SER C 81 -32.81 -23.40 -0.24
N LEU C 82 -32.10 -24.51 -0.46
CA LEU C 82 -31.39 -24.75 -1.71
C LEU C 82 -32.35 -24.78 -2.89
N GLN C 83 -31.87 -24.31 -4.03
CA GLN C 83 -32.63 -24.31 -5.27
C GLN C 83 -31.86 -25.00 -6.38
N SER C 84 -32.34 -24.87 -7.62
CA SER C 84 -31.75 -25.61 -8.74
C SER C 84 -30.34 -25.14 -9.05
N GLU C 85 -30.07 -23.85 -8.94
CA GLU C 85 -28.81 -23.28 -9.42
C GLU C 85 -27.59 -23.62 -8.57
N ASP C 86 -27.75 -24.26 -7.41
CA ASP C 86 -26.57 -24.51 -6.56
C ASP C 86 -25.53 -25.47 -7.14
N GLU C 87 -25.85 -26.27 -8.16
CA GLU C 87 -24.84 -27.19 -8.69
C GLU C 87 -23.78 -26.37 -9.44
N ALA C 88 -22.67 -26.11 -8.76
CA ALA C 88 -21.59 -25.29 -9.31
C ALA C 88 -20.34 -25.56 -8.48
N ASP C 89 -19.23 -24.96 -8.90
CA ASP C 89 -17.98 -25.06 -8.16
C ASP C 89 -17.75 -23.81 -7.33
N TYR C 90 -17.40 -24.00 -6.07
CA TYR C 90 -17.18 -22.91 -5.13
C TYR C 90 -15.70 -22.86 -4.76
N TYR C 91 -15.10 -21.67 -4.84
CA TYR C 91 -13.69 -21.52 -4.56
C TYR C 91 -13.50 -20.55 -3.41
N CYS C 92 -12.71 -20.94 -2.42
CA CYS C 92 -12.38 -20.09 -1.29
C CYS C 92 -10.92 -19.68 -1.44
N GLN C 93 -10.65 -18.38 -1.36
CA GLN C 93 -9.33 -17.84 -1.64
C GLN C 93 -8.97 -16.85 -0.55
N THR C 94 -7.71 -16.41 -0.53
CA THR C 94 -7.21 -15.62 0.57
C THR C 94 -6.22 -14.58 0.06
N TRP C 95 -5.61 -13.88 1.00
CA TRP C 95 -4.62 -12.85 0.71
C TRP C 95 -3.31 -13.15 1.43
N ASP C 96 -2.23 -12.65 0.87
CA ASP C 96 -0.87 -12.72 1.42
C ASP C 96 -0.06 -11.59 0.82
N THR C 97 1.26 -11.62 1.03
CA THR C 97 2.17 -10.58 0.53
C THR C 97 2.38 -10.82 -0.96
N GLY C 98 1.36 -10.46 -1.74
CA GLY C 98 1.43 -10.76 -3.15
C GLY C 98 1.09 -12.18 -3.52
N ILE C 99 0.58 -12.96 -2.56
CA ILE C 99 0.37 -14.40 -2.87
C ILE C 99 -1.08 -14.78 -2.63
N ARG C 100 -1.92 -14.74 -3.67
CA ARG C 100 -3.29 -15.25 -3.50
C ARG C 100 -3.13 -16.76 -3.29
N VAL C 101 -4.21 -17.50 -3.09
CA VAL C 101 -4.00 -18.95 -2.81
C VAL C 101 -5.05 -19.76 -3.56
N PHE C 102 -6.32 -19.44 -3.34
CA PHE C 102 -7.42 -20.21 -3.98
C PHE C 102 -7.41 -21.63 -3.43
N GLY C 103 -8.34 -22.46 -3.90
CA GLY C 103 -8.44 -23.83 -3.37
C GLY C 103 -8.90 -24.81 -4.42
N GLY C 104 -8.84 -26.11 -4.13
CA GLY C 104 -9.18 -27.13 -5.13
C GLY C 104 -10.58 -26.94 -5.70
N GLY C 105 -11.41 -26.15 -5.02
CA GLY C 105 -12.81 -25.99 -5.46
C GLY C 105 -13.70 -26.99 -4.76
N THR C 106 -15.00 -26.72 -4.68
CA THR C 106 -15.90 -27.61 -3.91
C THR C 106 -16.98 -28.18 -4.84
N ARG C 107 -16.58 -28.95 -5.85
CA ARG C 107 -17.61 -29.61 -6.70
C ARG C 107 -18.74 -30.00 -5.77
N LEU C 108 -19.98 -29.65 -6.12
CA LEU C 108 -21.06 -29.89 -5.18
C LEU C 108 -22.21 -30.56 -5.92
N THR C 109 -22.43 -31.83 -5.61
CA THR C 109 -23.42 -32.68 -6.25
C THR C 109 -24.68 -32.79 -5.40
N VAL C 110 -25.34 -31.64 -5.21
CA VAL C 110 -26.55 -31.63 -4.38
C VAL C 110 -27.61 -32.53 -5.04
N LEU C 111 -27.99 -33.59 -4.33
CA LEU C 111 -28.92 -34.58 -4.84
C LEU C 111 -30.37 -34.14 -4.66
N GLY C 112 -31.14 -34.23 -5.74
CA GLY C 112 -32.55 -33.87 -5.71
C GLY C 112 -33.24 -34.05 -7.05
C1 NAG D . -1.70 12.29 -11.72
C2 NAG D . -1.03 13.40 -12.47
C3 NAG D . -1.71 13.60 -13.82
C4 NAG D . -1.90 12.28 -14.56
C5 NAG D . -2.31 11.09 -13.66
C6 NAG D . -2.09 9.75 -14.30
C7 NAG D . -2.09 15.26 -11.22
C8 NAG D . -1.84 16.53 -10.44
N2 NAG D . -1.01 14.65 -11.70
O3 NAG D . -0.91 14.49 -14.60
O4 NAG D . -2.82 12.41 -15.65
O5 NAG D . -1.57 11.10 -12.43
O6 NAG D . -3.27 8.96 -14.31
O7 NAG D . -3.23 14.83 -11.39
C1 NAG D . -2.03 12.54 -16.85
C2 NAG D . -2.45 13.82 -17.55
C3 NAG D . -1.59 14.04 -18.80
C4 NAG D . -0.12 14.00 -18.44
C5 NAG D . 0.21 12.72 -17.68
C6 NAG D . 1.63 12.67 -17.17
C7 NAG D . -4.82 14.40 -17.23
C8 NAG D . -4.37 15.22 -16.06
N2 NAG D . -3.87 13.76 -17.90
O3 NAG D . -1.91 15.30 -19.38
O4 NAG D . 0.68 14.03 -19.62
O5 NAG D . -0.64 12.60 -16.53
O6 NAG D . 1.70 12.85 -15.77
O7 NAG D . -6.01 14.33 -17.56
C1 NAG E . -18.12 10.27 -15.63
C2 NAG E . -19.17 11.37 -15.71
C3 NAG E . -18.75 12.44 -16.71
C4 NAG E . -17.35 12.96 -16.36
C5 NAG E . -16.37 11.81 -16.17
C6 NAG E . -15.01 12.23 -15.65
C7 NAG E . -21.63 11.24 -15.62
C8 NAG E . -21.58 12.30 -14.56
N2 NAG E . -20.46 10.82 -16.11
O3 NAG E . -19.69 13.51 -16.71
O4 NAG E . -16.90 14.01 -17.21
O5 NAG E . -16.89 10.84 -15.25
O6 NAG E . -14.24 11.13 -15.19
O7 NAG E . -22.70 10.77 -16.01
C1 NAG E . -16.91 15.22 -16.42
C2 NAG E . -17.79 16.28 -17.07
C3 NAG E . -17.85 17.53 -16.20
C4 NAG E . -18.30 17.17 -14.79
C5 NAG E . -17.41 16.06 -14.22
C6 NAG E . -17.91 15.56 -12.88
C7 NAG E . -18.13 16.80 -19.45
C8 NAG E . -17.46 17.14 -20.76
N2 NAG E . -17.31 16.60 -18.40
O3 NAG E . -18.75 18.47 -16.77
O4 NAG E . -18.22 18.31 -13.94
O5 NAG E . -17.41 14.94 -15.10
O6 NAG E . -17.19 16.18 -11.81
O7 NAG E . -19.34 16.71 -19.35
C1 NAG F . 15.59 32.09 3.33
C2 NAG F . 16.44 33.37 3.20
C3 NAG F . 16.53 34.13 4.53
C4 NAG F . 15.14 34.40 5.08
C5 NAG F . 14.44 33.08 5.29
C6 NAG F . 13.04 33.23 5.82
C7 NAG F . 18.78 32.41 3.03
C8 NAG F . 18.60 31.68 4.33
N2 NAG F . 17.75 33.16 2.59
O3 NAG F . 17.23 35.35 4.33
O4 NAG F . 15.26 35.05 6.34
O5 NAG F . 14.33 32.38 4.02
O6 NAG F . 12.23 33.99 4.92
O7 NAG F . 19.82 32.34 2.39
C1 NAG F . 14.77 36.40 6.26
C2 NAG F . 14.34 36.84 7.67
C3 NAG F . 13.90 38.30 7.67
C4 NAG F . 14.97 39.18 7.07
C5 NAG F . 15.36 38.66 5.68
C6 NAG F . 16.50 39.43 5.06
C7 NAG F . 13.50 34.86 8.87
C8 NAG F . 12.29 34.11 9.31
N2 NAG F . 13.27 35.98 8.17
O3 NAG F . 13.62 38.71 9.00
O4 NAG F . 14.51 40.52 6.95
O5 NAG F . 15.79 37.29 5.77
O6 NAG F . 16.24 40.83 5.07
O7 NAG F . 14.64 34.48 9.14
C1 NAG G . 8.96 15.83 25.47
C2 NAG G . 10.11 16.27 26.39
C3 NAG G . 9.73 16.11 27.85
C4 NAG G . 8.41 16.81 28.14
C5 NAG G . 7.33 16.34 27.15
C6 NAG G . 6.02 17.09 27.31
C7 NAG G . 12.56 16.03 26.34
C8 NAG G . 13.70 15.13 25.98
N2 NAG G . 11.33 15.53 26.10
O3 NAG G . 10.75 16.65 28.68
O4 NAG G . 7.98 16.53 29.47
O5 NAG G . 7.77 16.56 25.81
O6 NAG G . 5.04 16.61 26.40
O7 NAG G . 12.73 17.14 26.82
C1 NAG H . 7.00 35.78 -13.73
C2 NAG H . 7.98 35.71 -14.89
C3 NAG H . 7.89 36.98 -15.72
C4 NAG H . 6.45 37.25 -16.15
C5 NAG H . 5.50 37.22 -14.96
C6 NAG H . 4.04 37.30 -15.36
C7 NAG H . 9.99 34.40 -14.34
C8 NAG H . 11.38 34.46 -13.77
N2 NAG H . 9.33 35.56 -14.37
O3 NAG H . 8.74 36.88 -16.85
O4 NAG H . 6.36 38.52 -16.78
O5 NAG H . 5.66 35.99 -14.24
O6 NAG H . 3.19 37.08 -14.25
O7 NAG H . 9.50 33.35 -14.74
C1 NAG I . 21.41 -11.72 4.27
C2 NAG I . 22.56 -12.66 4.05
C3 NAG I . 22.04 -14.09 3.96
C4 NAG I . 21.17 -14.41 5.18
C5 NAG I . 20.19 -13.28 5.54
C6 NAG I . 19.59 -13.44 6.91
C7 NAG I . 22.83 -12.26 1.62
C8 NAG I . 23.80 -11.87 0.55
N2 NAG I . 23.32 -12.31 2.87
O3 NAG I . 23.13 -14.99 3.88
O4 NAG I . 20.44 -15.60 4.95
O5 NAG I . 20.83 -11.99 5.51
O6 NAG I . 20.18 -12.54 7.84
O7 NAG I . 21.64 -12.51 1.38
C1 NAG J . -22.50 -25.57 9.99
C2 NAG J . -23.37 -24.77 10.91
C3 NAG J . -23.80 -25.64 12.08
C4 NAG J . -24.53 -26.88 11.58
C5 NAG J . -23.74 -27.60 10.48
C6 NAG J . -24.53 -28.63 9.71
C7 NAG J . -23.14 -22.33 11.28
C8 NAG J . -22.30 -21.26 11.88
N2 NAG J . -22.68 -23.58 11.41
O3 NAG J . -24.66 -24.90 12.94
O4 NAG J . -24.73 -27.77 12.68
O5 NAG J . -23.24 -26.69 9.48
O6 NAG J . -25.37 -28.05 8.71
O7 NAG J . -24.20 -22.09 10.70
#